data_4NC0
#
_entry.id   4NC0
#
_cell.length_a   56.717
_cell.length_b   117.802
_cell.length_c   102.820
_cell.angle_alpha   90.00
_cell.angle_beta   90.00
_cell.angle_gamma   90.00
#
_symmetry.space_group_name_H-M   'P 2 2 21'
#
loop_
_entity.id
_entity.type
_entity.pdbx_description
1 polymer 'Cell wall-binding repeat protein'
2 polymer 'A26.8 VHH'
3 water water
#
loop_
_entity_poly.entity_id
_entity_poly.type
_entity_poly.pdbx_seq_one_letter_code
_entity_poly.pdbx_strand_id
1 'polypeptide(L)'
;MHHHHHHGMRTIDGKKYYFNTNTAEAATGWQTIDGKKYYFNTNTSIASTGYTIINDKHFYFNTDGIMQIGVFKGPDGFEY
FAPANTDANNIEGQAIRYQNRFLYLHDNIYYFGNNSKAATGWVTIDGRRYYFEPNTAIGANGYKIIDNKNFYFRNGLPQI
GVFKGPNGFEYFAPANTDANNIDGQAIRYQNRFLHLLGNIYYFGNNSKAVTGWQTINGNMYYFMPDTAMAAAGGLFEIDG
VIYFFGVDGVKAPGIY
;
A
2 'polypeptide(L)'
;QVKLEESGGGLVQAGGSLRLSCAASERTFSRYPVAWFRQAPGAEREFVAVISSTGTSTYYADSVKGRFTISRDNAKVTVY
LQMNNLKREDTAVYFCAVNSQRTRLQDPNEYDYWGQGTQVTVSSHHHHHH
;
B
#
# COMPACT_ATOMS: atom_id res chain seq x y z
N GLY A 8 33.14 -23.21 16.06
CA GLY A 8 33.83 -24.53 16.03
C GLY A 8 32.92 -25.70 16.36
N MET A 9 31.93 -25.94 15.51
CA MET A 9 31.01 -27.08 15.66
C MET A 9 30.82 -27.85 14.35
N ARG A 10 30.38 -29.10 14.47
CA ARG A 10 30.29 -30.01 13.34
C ARG A 10 28.90 -30.64 13.22
N THR A 11 28.53 -30.96 11.97
CA THR A 11 27.22 -31.55 11.66
C THR A 11 27.44 -32.88 10.92
N ILE A 12 27.01 -33.98 11.57
CA ILE A 12 27.21 -35.33 11.04
C ILE A 12 25.88 -36.00 10.71
N ASP A 13 25.67 -36.32 9.42
CA ASP A 13 24.45 -37.00 8.95
C ASP A 13 23.17 -36.27 9.39
N GLY A 14 23.14 -34.95 9.18
CA GLY A 14 21.99 -34.14 9.56
C GLY A 14 21.77 -33.95 11.06
N LYS A 15 22.72 -34.39 11.87
CA LYS A 15 22.65 -34.21 13.31
C LYS A 15 23.77 -33.27 13.74
N LYS A 16 23.46 -32.35 14.65
CA LYS A 16 24.39 -31.27 14.96
C LYS A 16 24.96 -31.39 16.37
N TYR A 17 26.29 -31.33 16.47
CA TYR A 17 27.00 -31.40 17.74
C TYR A 17 27.96 -30.21 17.87
N TYR A 18 28.22 -29.80 19.09
CA TYR A 18 29.18 -28.72 19.36
C TYR A 18 30.27 -29.18 20.33
N PHE A 19 31.49 -28.74 20.07
CA PHE A 19 32.62 -29.07 20.94
C PHE A 19 33.33 -27.83 21.47
N ASN A 20 33.62 -27.84 22.77
CA ASN A 20 34.29 -26.76 23.49
C ASN A 20 33.36 -25.58 23.77
N ALA A 27 29.44 -31.50 24.03
CA ALA A 27 28.71 -30.55 24.89
C ALA A 27 27.24 -30.93 25.03
N THR A 28 26.71 -30.77 26.24
CA THR A 28 25.31 -31.10 26.54
C THR A 28 24.56 -29.95 27.24
N GLY A 29 23.24 -29.90 27.04
CA GLY A 29 22.37 -28.93 27.71
C GLY A 29 22.33 -27.57 27.04
N TRP A 30 21.91 -26.56 27.82
CA TRP A 30 21.79 -25.18 27.33
C TRP A 30 23.16 -24.58 26.95
N GLN A 31 23.27 -24.16 25.69
CA GLN A 31 24.51 -23.55 25.20
C GLN A 31 24.23 -22.29 24.37
N THR A 32 24.77 -21.17 24.82
CA THR A 32 24.70 -19.92 24.07
C THR A 32 25.93 -19.82 23.18
N ILE A 33 25.72 -19.86 21.86
CA ILE A 33 26.81 -19.84 20.89
C ILE A 33 26.56 -18.83 19.79
N ASP A 34 27.43 -17.82 19.70
CA ASP A 34 27.31 -16.72 18.74
C ASP A 34 26.06 -15.87 19.05
N GLY A 35 25.68 -15.84 20.33
CA GLY A 35 24.49 -15.13 20.80
C GLY A 35 23.20 -15.93 20.70
N LYS A 36 23.19 -16.93 19.82
CA LYS A 36 22.01 -17.76 19.57
C LYS A 36 21.96 -18.96 20.52
N LYS A 37 20.75 -19.33 20.95
CA LYS A 37 20.57 -20.31 22.02
C LYS A 37 20.30 -21.73 21.50
N TYR A 38 20.91 -22.72 22.17
CA TYR A 38 20.80 -24.13 21.79
C TYR A 38 20.51 -25.02 22.99
N TYR A 39 19.93 -26.19 22.74
CA TYR A 39 19.86 -27.23 23.76
C TYR A 39 20.27 -28.58 23.20
N PHE A 40 21.47 -29.02 23.58
CA PHE A 40 21.98 -30.31 23.14
C PHE A 40 21.50 -31.38 24.10
N ASN A 41 20.81 -32.39 23.56
CA ASN A 41 20.21 -33.46 24.36
C ASN A 41 21.20 -34.06 25.35
N THR A 42 20.77 -34.20 26.61
CA THR A 42 21.64 -34.70 27.69
C THR A 42 22.20 -36.10 27.42
N ASN A 43 21.43 -36.92 26.71
CA ASN A 43 21.84 -38.29 26.40
C ASN A 43 22.62 -38.43 25.09
N THR A 44 22.13 -37.80 24.03
CA THR A 44 22.67 -38.02 22.68
C THR A 44 23.62 -36.92 22.23
N SER A 45 23.67 -35.84 23.02
CA SER A 45 24.42 -34.62 22.70
C SER A 45 24.00 -33.95 21.38
N ILE A 46 22.90 -34.42 20.78
CA ILE A 46 22.39 -33.86 19.53
C ILE A 46 21.62 -32.56 19.82
N ALA A 47 21.84 -31.55 19.00
CA ALA A 47 21.11 -30.26 19.11
C ALA A 47 19.63 -30.46 18.85
N SER A 48 18.80 -30.05 19.81
CA SER A 48 17.35 -30.17 19.69
C SER A 48 16.83 -29.38 18.48
N THR A 49 15.97 -30.02 17.70
CA THR A 49 15.27 -29.34 16.60
C THR A 49 13.76 -29.56 16.76
N GLY A 50 12.98 -28.58 16.32
CA GLY A 50 11.52 -28.63 16.41
C GLY A 50 11.00 -28.46 17.82
N TYR A 51 9.75 -28.84 18.02
CA TYR A 51 9.11 -28.81 19.33
C TYR A 51 9.84 -29.73 20.32
N THR A 52 10.21 -29.17 21.48
CA THR A 52 11.07 -29.87 22.44
C THR A 52 10.64 -29.59 23.88
N ILE A 53 10.39 -30.66 24.64
CA ILE A 53 10.06 -30.54 26.05
C ILE A 53 11.32 -30.63 26.92
N ILE A 54 11.51 -29.65 27.79
CA ILE A 54 12.64 -29.59 28.72
C ILE A 54 12.17 -29.16 30.10
N ASN A 55 12.28 -30.05 31.08
CA ASN A 55 11.81 -29.79 32.45
C ASN A 55 10.34 -29.38 32.52
N ASP A 56 9.49 -30.10 31.79
CA ASP A 56 8.06 -29.80 31.66
C ASP A 56 7.75 -28.43 31.07
N LYS A 57 8.72 -27.89 30.31
CA LYS A 57 8.57 -26.58 29.67
C LYS A 57 8.82 -26.72 28.18
N HIS A 58 7.86 -26.26 27.38
CA HIS A 58 7.95 -26.41 25.93
C HIS A 58 8.80 -25.30 25.30
N PHE A 59 9.69 -25.70 24.40
CA PHE A 59 10.51 -24.76 23.63
C PHE A 59 10.42 -25.17 22.17
N TYR A 60 10.93 -24.32 21.28
CA TYR A 60 10.97 -24.66 19.85
C TYR A 60 12.25 -24.17 19.19
N PHE A 61 12.89 -25.05 18.44
CA PHE A 61 14.15 -24.74 17.78
C PHE A 61 13.96 -24.92 16.29
N ASN A 62 14.61 -24.07 15.48
CA ASN A 62 14.59 -24.29 14.03
C ASN A 62 15.42 -25.53 13.65
N THR A 63 15.41 -25.90 12.38
CA THR A 63 16.14 -27.09 11.92
C THR A 63 17.64 -27.00 12.21
N ASP A 64 18.14 -25.78 12.43
CA ASP A 64 19.55 -25.53 12.70
C ASP A 64 19.89 -25.48 14.20
N GLY A 65 18.88 -25.72 15.05
CA GLY A 65 19.09 -25.81 16.50
C GLY A 65 18.87 -24.53 17.30
N ILE A 66 18.63 -23.42 16.61
CA ILE A 66 18.48 -22.11 17.25
C ILE A 66 17.08 -21.92 17.84
N MET A 67 17.03 -21.65 19.14
CA MET A 67 15.77 -21.39 19.85
C MET A 67 15.02 -20.20 19.24
N GLN A 68 13.70 -20.31 19.20
CA GLN A 68 12.88 -19.30 18.53
C GLN A 68 11.87 -18.67 19.47
N ILE A 69 11.58 -17.40 19.22
CA ILE A 69 10.42 -16.74 19.81
C ILE A 69 9.39 -16.70 18.68
N GLY A 70 8.15 -17.08 19.00
CA GLY A 70 7.12 -17.09 17.96
C GLY A 70 6.05 -18.12 18.18
N VAL A 71 5.34 -18.44 17.10
CA VAL A 71 4.20 -19.34 17.16
C VAL A 71 4.50 -20.51 16.27
N PHE A 72 4.54 -21.70 16.88
CA PHE A 72 4.94 -22.91 16.17
C PHE A 72 4.11 -24.10 16.64
N LYS A 73 3.97 -25.08 15.76
CA LYS A 73 3.09 -26.22 16.00
C LYS A 73 3.75 -27.29 16.87
N GLY A 74 3.02 -27.74 17.89
CA GLY A 74 3.39 -28.93 18.65
C GLY A 74 2.35 -30.03 18.45
N PRO A 75 2.45 -31.13 19.24
CA PRO A 75 1.45 -32.21 19.17
C PRO A 75 0.05 -31.74 19.60
N ASP A 76 -0.02 -30.71 20.44
CA ASP A 76 -1.28 -30.15 20.89
C ASP A 76 -1.72 -28.90 20.11
N GLY A 77 -1.05 -28.62 19.00
CA GLY A 77 -1.37 -27.46 18.18
C GLY A 77 -0.35 -26.34 18.28
N PHE A 78 -0.68 -25.17 17.70
CA PHE A 78 0.24 -24.03 17.64
C PHE A 78 0.33 -23.32 18.98
N GLU A 79 1.55 -23.14 19.48
CA GLU A 79 1.76 -22.56 20.80
C GLU A 79 2.56 -21.26 20.71
N TYR A 80 2.40 -20.40 21.70
CA TYR A 80 3.14 -19.13 21.73
C TYR A 80 4.42 -19.25 22.56
N PHE A 81 5.56 -19.21 21.88
CA PHE A 81 6.87 -19.29 22.52
C PHE A 81 7.36 -17.85 22.70
N ALA A 82 7.25 -17.39 23.93
CA ALA A 82 7.23 -15.97 24.27
C ALA A 82 8.55 -15.44 24.81
N PRO A 83 8.78 -14.12 24.68
CA PRO A 83 9.93 -13.51 25.35
C PRO A 83 9.79 -13.62 26.86
N ALA A 84 10.90 -13.39 27.57
CA ALA A 84 10.91 -13.47 29.03
C ALA A 84 9.93 -12.48 29.65
N ASN A 85 9.22 -12.94 30.69
CA ASN A 85 8.31 -12.11 31.47
C ASN A 85 7.12 -11.53 30.69
N THR A 86 6.52 -12.38 29.85
CA THR A 86 5.30 -12.03 29.12
C THR A 86 4.09 -12.50 29.94
N ASP A 87 4.19 -13.70 30.50
CA ASP A 87 3.16 -14.26 31.37
C ASP A 87 3.80 -15.04 32.50
N ALA A 88 3.25 -14.88 33.71
CA ALA A 88 3.88 -15.39 34.94
C ALA A 88 5.33 -14.88 34.98
N ASN A 89 6.29 -15.78 35.20
CA ASN A 89 7.69 -15.38 35.18
C ASN A 89 8.44 -16.10 34.08
N ASN A 90 7.75 -16.38 32.97
CA ASN A 90 8.28 -17.28 31.95
C ASN A 90 9.70 -16.97 31.48
N ILE A 91 10.44 -18.05 31.23
CA ILE A 91 11.78 -17.99 30.68
C ILE A 91 11.68 -17.62 29.21
N GLU A 92 12.67 -16.89 28.70
CA GLU A 92 12.77 -16.58 27.28
C GLU A 92 12.61 -17.87 26.48
N GLY A 93 11.64 -17.88 25.56
CA GLY A 93 11.42 -19.01 24.64
C GLY A 93 10.40 -20.04 25.09
N GLN A 94 10.05 -20.01 26.38
CA GLN A 94 9.08 -20.93 26.93
C GLN A 94 7.70 -20.68 26.32
N ALA A 95 6.95 -21.75 26.05
CA ALA A 95 5.55 -21.61 25.67
C ALA A 95 4.73 -21.12 26.86
N ILE A 96 3.78 -20.22 26.61
CA ILE A 96 3.03 -19.59 27.70
C ILE A 96 1.52 -19.73 27.57
N ARG A 97 0.84 -19.51 28.69
CA ARG A 97 -0.61 -19.37 28.70
C ARG A 97 -0.96 -18.02 28.06
N TYR A 98 -1.87 -18.07 27.08
CA TYR A 98 -2.27 -16.91 26.29
C TYR A 98 -3.66 -17.19 25.72
N GLN A 99 -4.69 -16.59 26.33
CA GLN A 99 -6.06 -17.05 26.15
C GLN A 99 -7.04 -16.06 25.52
N ASN A 100 -7.89 -16.57 24.62
CA ASN A 100 -9.03 -15.83 24.07
C ASN A 100 -8.69 -14.42 23.59
N ARG A 101 -7.60 -14.30 22.84
CA ARG A 101 -7.23 -13.00 22.27
C ARG A 101 -6.31 -13.11 21.06
N PHE A 102 -6.22 -12.02 20.32
CA PHE A 102 -5.32 -11.92 19.18
C PHE A 102 -3.90 -11.72 19.69
N LEU A 103 -2.93 -12.12 18.88
CA LEU A 103 -1.53 -11.84 19.17
C LEU A 103 -0.99 -11.16 17.94
N TYR A 104 -0.24 -10.09 18.18
CA TYR A 104 0.37 -9.32 17.10
C TYR A 104 1.89 -9.40 17.20
N LEU A 105 2.48 -10.13 16.26
CA LEU A 105 3.93 -10.27 16.20
C LEU A 105 4.41 -9.80 14.87
N HIS A 106 5.06 -8.64 14.87
CA HIS A 106 5.49 -7.95 13.68
C HIS A 106 4.25 -7.68 12.81
N ASP A 107 4.25 -8.15 11.58
CA ASP A 107 3.10 -7.94 10.73
C ASP A 107 2.16 -9.16 10.69
N ASN A 108 2.37 -10.10 11.60
CA ASN A 108 1.53 -11.31 11.65
C ASN A 108 0.48 -11.22 12.73
N ILE A 109 -0.68 -11.80 12.44
CA ILE A 109 -1.78 -11.81 13.39
C ILE A 109 -2.17 -13.26 13.67
N TYR A 110 -2.41 -13.56 14.94
CA TYR A 110 -2.86 -14.87 15.40
C TYR A 110 -4.04 -14.70 16.31
N TYR A 111 -4.94 -15.67 16.32
CA TYR A 111 -5.95 -15.72 17.38
C TYR A 111 -5.78 -16.94 18.26
N PHE A 112 -5.67 -16.70 19.56
CA PHE A 112 -5.47 -17.77 20.53
C PHE A 112 -6.75 -18.10 21.28
N GLY A 113 -7.11 -19.38 21.32
CA GLY A 113 -8.33 -19.84 21.99
C GLY A 113 -8.20 -20.01 23.50
N ASN A 114 -9.17 -20.71 24.08
CA ASN A 114 -9.21 -20.90 25.53
C ASN A 114 -8.11 -21.81 26.08
N ASN A 115 -7.63 -22.73 25.24
CA ASN A 115 -6.56 -23.65 25.63
C ASN A 115 -5.16 -23.17 25.22
N SER A 116 -5.07 -21.86 24.95
CA SER A 116 -3.82 -21.19 24.58
C SER A 116 -3.18 -21.74 23.32
N LYS A 117 -4.00 -22.17 22.37
CA LYS A 117 -3.51 -22.57 21.03
C LYS A 117 -4.00 -21.62 19.95
N ALA A 118 -3.19 -21.43 18.91
CA ALA A 118 -3.53 -20.52 17.82
C ALA A 118 -4.52 -21.14 16.85
N ALA A 119 -5.54 -20.37 16.47
CA ALA A 119 -6.55 -20.84 15.53
C ALA A 119 -5.95 -21.11 14.16
N THR A 120 -6.46 -22.14 13.49
CA THR A 120 -6.10 -22.44 12.10
C THR A 120 -7.38 -22.66 11.32
N GLY A 121 -7.39 -22.26 10.05
CA GLY A 121 -8.57 -22.40 9.21
C GLY A 121 -9.55 -21.27 9.49
N TRP A 122 -10.83 -21.50 9.15
CA TRP A 122 -11.87 -20.51 9.34
C TRP A 122 -12.34 -20.49 10.78
N VAL A 123 -12.51 -19.29 11.31
CA VAL A 123 -12.95 -19.10 12.71
C VAL A 123 -13.80 -17.83 12.82
N THR A 124 -14.80 -17.86 13.68
CA THR A 124 -15.64 -16.69 13.90
C THR A 124 -15.27 -16.10 15.26
N ILE A 125 -14.84 -14.85 15.24
CA ILE A 125 -14.40 -14.17 16.45
C ILE A 125 -15.28 -12.93 16.62
N ASP A 126 -16.02 -12.90 17.72
CA ASP A 126 -17.01 -11.84 17.97
C ASP A 126 -17.83 -11.49 16.72
N GLY A 127 -18.37 -12.51 16.07
CA GLY A 127 -19.29 -12.33 14.94
C GLY A 127 -18.67 -11.94 13.60
N ARG A 128 -17.34 -12.03 13.51
CA ARG A 128 -16.61 -11.66 12.29
C ARG A 128 -15.77 -12.88 11.89
N ARG A 129 -15.76 -13.23 10.60
CA ARG A 129 -15.07 -14.45 10.15
C ARG A 129 -13.67 -14.19 9.61
N TYR A 130 -12.71 -14.99 10.09
CA TYR A 130 -11.31 -14.82 9.72
C TYR A 130 -10.77 -16.13 9.17
N TYR A 131 -9.68 -16.05 8.41
CA TYR A 131 -8.99 -17.26 8.00
C TYR A 131 -7.52 -17.17 8.36
N PHE A 132 -7.07 -18.17 9.11
CA PHE A 132 -5.69 -18.31 9.52
C PHE A 132 -5.06 -19.51 8.79
N GLU A 133 -3.96 -19.26 8.08
CA GLU A 133 -3.25 -20.33 7.33
C GLU A 133 -3.00 -21.56 8.19
N PRO A 134 -3.49 -22.73 7.75
CA PRO A 134 -3.28 -23.99 8.49
C PRO A 134 -1.82 -24.36 8.77
N ASN A 135 -0.89 -23.94 7.91
CA ASN A 135 0.51 -24.31 8.10
C ASN A 135 1.33 -23.36 8.97
N THR A 136 0.80 -22.16 9.26
CA THR A 136 1.51 -21.17 10.08
C THR A 136 0.70 -20.58 11.22
N ALA A 137 -0.62 -20.77 11.17
CA ALA A 137 -1.57 -20.05 12.04
C ALA A 137 -1.61 -18.55 11.80
N ILE A 138 -0.89 -18.07 10.79
CA ILE A 138 -0.80 -16.64 10.53
C ILE A 138 -2.01 -16.16 9.69
N GLY A 139 -2.60 -15.04 10.10
CA GLY A 139 -3.68 -14.41 9.33
C GLY A 139 -3.40 -14.36 7.83
N ALA A 140 -4.36 -14.84 7.04
CA ALA A 140 -4.21 -14.88 5.58
C ALA A 140 -4.14 -13.47 4.97
N ASN A 141 -3.41 -13.38 3.86
CA ASN A 141 -3.26 -12.16 3.07
C ASN A 141 -3.10 -12.52 1.59
N GLY A 142 -3.79 -11.78 0.73
CA GLY A 142 -3.63 -12.00 -0.70
C GLY A 142 -4.63 -13.01 -1.21
N TYR A 143 -4.54 -13.29 -2.49
CA TYR A 143 -5.40 -14.21 -3.19
C TYR A 143 -5.25 -15.62 -2.61
N LYS A 144 -6.38 -16.30 -2.42
CA LYS A 144 -6.38 -17.66 -1.88
C LYS A 144 -7.50 -18.47 -2.50
N ILE A 145 -7.20 -19.72 -2.86
CA ILE A 145 -8.25 -20.64 -3.28
C ILE A 145 -8.47 -21.60 -2.12
N ILE A 146 -9.71 -21.71 -1.67
CA ILE A 146 -10.05 -22.54 -0.52
C ILE A 146 -11.28 -23.34 -0.89
N ASP A 147 -11.16 -24.68 -0.86
CA ASP A 147 -12.21 -25.58 -1.34
C ASP A 147 -12.84 -25.05 -2.63
N ASN A 148 -11.99 -24.76 -3.62
CA ASN A 148 -12.43 -24.27 -4.94
C ASN A 148 -13.15 -22.94 -4.96
N LYS A 149 -13.02 -22.17 -3.89
CA LYS A 149 -13.61 -20.83 -3.85
C LYS A 149 -12.48 -19.80 -3.76
N ASN A 150 -12.58 -18.75 -4.56
CA ASN A 150 -11.55 -17.70 -4.58
C ASN A 150 -11.83 -16.57 -3.59
N PHE A 151 -10.83 -16.25 -2.77
CA PHE A 151 -10.92 -15.19 -1.77
C PHE A 151 -9.72 -14.28 -1.89
N TYR A 152 -9.85 -13.05 -1.41
CA TYR A 152 -8.72 -12.15 -1.34
C TYR A 152 -8.67 -11.55 0.07
N PHE A 153 -7.65 -11.92 0.80
CA PHE A 153 -7.58 -11.63 2.23
C PHE A 153 -6.73 -10.41 2.54
N ARG A 154 -7.13 -9.69 3.59
CA ARG A 154 -6.27 -8.72 4.26
C ARG A 154 -6.38 -8.91 5.78
N ASN A 155 -5.25 -9.15 6.45
CA ASN A 155 -5.23 -9.33 7.91
C ASN A 155 -6.24 -10.41 8.37
N GLY A 156 -6.33 -11.49 7.58
CA GLY A 156 -7.20 -12.63 7.91
C GLY A 156 -8.65 -12.45 7.50
N LEU A 157 -8.97 -11.26 7.01
CA LEU A 157 -10.34 -10.96 6.64
C LEU A 157 -10.50 -10.97 5.13
N PRO A 158 -11.49 -11.73 4.64
CA PRO A 158 -11.85 -11.72 3.22
C PRO A 158 -12.34 -10.34 2.83
N GLN A 159 -11.74 -9.74 1.81
CA GLN A 159 -12.09 -8.40 1.34
C GLN A 159 -13.21 -8.43 0.31
N ILE A 160 -13.98 -7.34 0.25
CA ILE A 160 -15.03 -7.19 -0.75
C ILE A 160 -14.52 -6.13 -1.68
N GLY A 161 -14.57 -6.39 -2.98
CA GLY A 161 -14.06 -5.44 -3.96
C GLY A 161 -13.50 -6.15 -5.17
N VAL A 162 -12.67 -5.43 -5.92
CA VAL A 162 -12.11 -5.93 -7.19
C VAL A 162 -10.61 -6.05 -7.02
N PHE A 163 -10.09 -7.27 -7.03
CA PHE A 163 -8.66 -7.48 -6.75
C PHE A 163 -8.02 -8.41 -7.76
N LYS A 164 -6.72 -8.23 -7.97
CA LYS A 164 -6.02 -8.96 -9.03
C LYS A 164 -5.50 -10.30 -8.54
N GLY A 165 -5.96 -11.36 -9.18
CA GLY A 165 -5.44 -12.70 -8.93
C GLY A 165 -4.62 -13.18 -10.12
N PRO A 166 -4.24 -14.47 -10.14
CA PRO A 166 -3.42 -15.03 -11.23
C PRO A 166 -4.11 -14.93 -12.61
N ASN A 167 -5.44 -14.86 -12.62
CA ASN A 167 -6.18 -14.76 -13.87
C ASN A 167 -6.81 -13.38 -14.13
N GLY A 168 -6.27 -12.34 -13.52
CA GLY A 168 -6.83 -10.97 -13.66
C GLY A 168 -7.74 -10.54 -12.50
N PHE A 169 -8.41 -9.40 -12.68
CA PHE A 169 -9.22 -8.79 -11.63
C PHE A 169 -10.57 -9.47 -11.46
N GLU A 170 -10.84 -9.98 -10.26
CA GLU A 170 -12.11 -10.65 -9.97
C GLU A 170 -12.97 -9.80 -9.03
N TYR A 171 -14.28 -10.04 -9.07
CA TYR A 171 -15.21 -9.39 -8.16
C TYR A 171 -15.43 -10.28 -6.96
N PHE A 172 -14.84 -9.91 -5.83
CA PHE A 172 -15.00 -10.64 -4.57
C PHE A 172 -16.17 -10.00 -3.84
N ALA A 173 -17.28 -10.72 -3.76
CA ALA A 173 -18.56 -10.07 -3.49
C ALA A 173 -19.13 -10.31 -2.10
N PRO A 174 -20.07 -9.45 -1.65
CA PRO A 174 -20.79 -9.70 -0.39
C PRO A 174 -21.58 -11.00 -0.53
N ALA A 175 -21.81 -11.66 0.60
CA ALA A 175 -22.55 -12.90 0.66
C ALA A 175 -23.83 -12.79 -0.16
N ASN A 176 -24.17 -13.85 -0.88
CA ASN A 176 -25.45 -13.94 -1.58
C ASN A 176 -25.71 -12.86 -2.64
N THR A 177 -24.63 -12.40 -3.28
CA THR A 177 -24.74 -11.55 -4.44
C THR A 177 -25.12 -12.39 -5.67
N ASP A 178 -24.52 -13.58 -5.77
CA ASP A 178 -24.82 -14.47 -6.87
C ASP A 178 -24.97 -15.86 -6.32
N ALA A 179 -26.18 -16.43 -6.44
CA ALA A 179 -26.51 -17.79 -5.96
C ALA A 179 -25.79 -18.21 -4.65
N ASN A 180 -26.03 -17.46 -3.59
CA ASN A 180 -25.47 -17.81 -2.26
C ASN A 180 -23.95 -17.94 -2.15
N ASN A 181 -23.22 -17.11 -2.88
CA ASN A 181 -21.77 -17.07 -2.69
C ASN A 181 -21.45 -16.73 -1.23
N ILE A 182 -20.37 -17.31 -0.74
CA ILE A 182 -19.88 -17.02 0.59
C ILE A 182 -19.35 -15.57 0.59
N ASP A 183 -19.41 -14.91 1.73
CA ASP A 183 -18.93 -13.53 1.85
C ASP A 183 -17.47 -13.40 1.42
N GLY A 184 -17.22 -12.55 0.42
CA GLY A 184 -15.85 -12.32 -0.07
C GLY A 184 -15.41 -13.29 -1.15
N GLN A 185 -16.28 -14.22 -1.52
CA GLN A 185 -15.99 -15.18 -2.59
C GLN A 185 -16.11 -14.50 -3.95
N ALA A 186 -15.16 -14.77 -4.86
CA ALA A 186 -15.25 -14.27 -6.23
C ALA A 186 -16.42 -14.88 -6.95
N ILE A 187 -17.17 -14.05 -7.68
CA ILE A 187 -18.37 -14.53 -8.33
C ILE A 187 -18.33 -14.36 -9.83
N ARG A 188 -19.23 -15.07 -10.51
CA ARG A 188 -19.50 -14.88 -11.91
C ARG A 188 -20.14 -13.50 -12.02
N TYR A 189 -19.73 -12.72 -13.01
CA TYR A 189 -20.25 -11.36 -13.13
C TYR A 189 -19.81 -10.89 -14.50
N GLN A 190 -20.74 -10.90 -15.45
CA GLN A 190 -20.40 -10.92 -16.88
C GLN A 190 -20.94 -9.75 -17.69
N ASN A 191 -20.09 -9.19 -18.55
CA ASN A 191 -20.50 -8.21 -19.57
C ASN A 191 -21.34 -7.06 -19.01
N ARG A 192 -20.85 -6.42 -17.96
CA ARG A 192 -21.62 -5.35 -17.33
C ARG A 192 -20.73 -4.47 -16.45
N PHE A 193 -21.23 -3.28 -16.17
CA PHE A 193 -20.60 -2.38 -15.24
C PHE A 193 -20.80 -2.86 -13.83
N LEU A 194 -19.85 -2.50 -12.96
CA LEU A 194 -20.01 -2.67 -11.54
C LEU A 194 -19.77 -1.31 -10.90
N HIS A 195 -20.74 -0.86 -10.13
CA HIS A 195 -20.61 0.36 -9.36
C HIS A 195 -20.52 -0.06 -7.91
N LEU A 196 -19.35 0.09 -7.31
CA LEU A 196 -19.14 -0.44 -5.99
C LEU A 196 -18.69 0.60 -4.95
N LEU A 197 -17.40 0.88 -4.87
CA LEU A 197 -16.88 1.67 -3.74
C LEU A 197 -16.91 3.18 -4.01
N GLY A 198 -17.98 3.64 -4.65
CA GLY A 198 -17.94 4.90 -5.40
C GLY A 198 -17.07 4.77 -6.65
N ASN A 199 -16.62 3.56 -6.94
CA ASN A 199 -15.73 3.29 -8.07
C ASN A 199 -16.47 2.60 -9.20
N ILE A 200 -15.94 2.73 -10.41
CA ILE A 200 -16.56 2.14 -11.60
C ILE A 200 -15.65 1.10 -12.24
N TYR A 201 -16.22 -0.06 -12.56
CA TYR A 201 -15.50 -1.15 -13.22
C TYR A 201 -16.34 -1.67 -14.35
N TYR A 202 -15.70 -2.35 -15.29
CA TYR A 202 -16.44 -3.07 -16.32
C TYR A 202 -15.88 -4.48 -16.46
N PHE A 203 -16.80 -5.44 -16.46
CA PHE A 203 -16.45 -6.87 -16.47
C PHE A 203 -16.78 -7.53 -17.80
N GLY A 204 -15.79 -8.23 -18.34
CA GLY A 204 -15.93 -8.91 -19.63
C GLY A 204 -16.69 -10.22 -19.48
N ASN A 205 -16.64 -11.04 -20.52
CA ASN A 205 -17.40 -12.27 -20.54
C ASN A 205 -16.86 -13.32 -19.56
N ASN A 206 -15.55 -13.25 -19.28
CA ASN A 206 -14.88 -14.18 -18.37
C ASN A 206 -14.96 -13.74 -16.89
N SER A 207 -15.78 -12.74 -16.60
CA SER A 207 -15.93 -12.26 -15.23
C SER A 207 -14.66 -11.59 -14.69
N LYS A 208 -13.81 -11.12 -15.59
CA LYS A 208 -12.66 -10.32 -15.18
C LYS A 208 -12.87 -8.85 -15.51
N ALA A 209 -12.34 -7.96 -14.67
CA ALA A 209 -12.48 -6.53 -14.93
C ALA A 209 -11.51 -6.15 -16.06
N VAL A 210 -11.98 -5.31 -16.97
CA VAL A 210 -11.13 -4.85 -18.07
C VAL A 210 -10.23 -3.69 -17.59
N THR A 211 -9.10 -3.50 -18.27
CA THR A 211 -8.22 -2.39 -17.97
C THR A 211 -7.92 -1.63 -19.26
N GLY A 212 -7.31 -0.45 -19.14
CA GLY A 212 -6.93 0.33 -20.31
C GLY A 212 -8.12 1.05 -20.92
N TRP A 213 -7.88 1.65 -22.09
CA TRP A 213 -8.90 2.30 -22.89
C TRP A 213 -9.97 1.32 -23.34
N GLN A 214 -11.22 1.74 -23.23
CA GLN A 214 -12.32 0.90 -23.66
C GLN A 214 -13.38 1.82 -24.23
N THR A 215 -14.07 1.34 -25.26
CA THR A 215 -15.27 2.02 -25.77
C THR A 215 -16.48 1.17 -25.42
N ILE A 216 -17.39 1.74 -24.65
CA ILE A 216 -18.54 1.00 -24.17
C ILE A 216 -19.76 1.87 -24.41
N ASN A 217 -20.71 1.34 -25.18
CA ASN A 217 -21.93 2.04 -25.55
C ASN A 217 -21.67 3.43 -26.11
N GLY A 218 -20.65 3.53 -26.96
CA GLY A 218 -20.28 4.80 -27.60
C GLY A 218 -19.49 5.80 -26.77
N ASN A 219 -19.15 5.44 -25.54
CA ASN A 219 -18.38 6.32 -24.66
C ASN A 219 -17.00 5.74 -24.39
N MET A 220 -16.00 6.61 -24.24
CA MET A 220 -14.65 6.16 -23.92
C MET A 220 -14.35 6.24 -22.42
N TYR A 221 -13.67 5.21 -21.93
CA TYR A 221 -13.28 5.08 -20.54
C TYR A 221 -11.83 4.67 -20.49
N TYR A 222 -11.19 4.99 -19.38
CA TYR A 222 -9.88 4.43 -19.12
C TYR A 222 -9.88 3.80 -17.74
N PHE A 223 -9.66 2.49 -17.72
CA PHE A 223 -9.61 1.73 -16.47
C PHE A 223 -8.18 1.55 -16.01
N MET A 224 -7.82 2.17 -14.88
CA MET A 224 -6.43 2.16 -14.36
C MET A 224 -5.90 0.73 -14.26
N PRO A 225 -4.72 0.46 -14.83
CA PRO A 225 -4.15 -0.91 -14.79
C PRO A 225 -3.95 -1.49 -13.39
N ASP A 226 -3.68 -0.67 -12.39
CA ASP A 226 -3.37 -1.21 -11.06
C ASP A 226 -4.59 -1.62 -10.24
N THR A 227 -5.73 -0.97 -10.50
CA THR A 227 -6.93 -1.15 -9.71
C THR A 227 -8.14 -1.58 -10.53
N ALA A 228 -8.08 -1.35 -11.84
CA ALA A 228 -9.20 -1.57 -12.77
C ALA A 228 -10.36 -0.58 -12.60
N MET A 229 -10.16 0.46 -11.78
CA MET A 229 -11.17 1.51 -11.59
C MET A 229 -11.11 2.46 -12.76
N ALA A 230 -12.28 2.86 -13.27
CA ALA A 230 -12.35 3.90 -14.29
C ALA A 230 -11.77 5.20 -13.74
N ALA A 231 -10.93 5.86 -14.55
CA ALA A 231 -10.52 7.21 -14.26
C ALA A 231 -11.80 8.04 -14.26
N ALA A 232 -11.99 8.87 -13.22
CA ALA A 232 -13.27 9.56 -13.04
C ALA A 232 -13.08 10.74 -12.11
N GLY A 233 -13.87 11.79 -12.31
CA GLY A 233 -13.89 12.92 -11.37
C GLY A 233 -12.82 13.99 -11.55
N GLY A 234 -12.20 14.07 -12.73
CA GLY A 234 -11.26 15.17 -12.97
C GLY A 234 -10.15 14.85 -13.95
N LEU A 235 -9.01 15.50 -13.74
CA LEU A 235 -7.89 15.41 -14.65
C LEU A 235 -7.02 14.22 -14.35
N PHE A 236 -6.60 13.53 -15.41
CA PHE A 236 -5.70 12.39 -15.30
C PHE A 236 -4.60 12.49 -16.35
N GLU A 237 -3.40 12.05 -16.01
CA GLU A 237 -2.36 11.89 -17.02
C GLU A 237 -2.30 10.43 -17.40
N ILE A 238 -2.44 10.16 -18.70
CA ILE A 238 -2.34 8.82 -19.24
C ILE A 238 -1.48 8.91 -20.50
N ASP A 239 -0.46 8.07 -20.62
CA ASP A 239 0.38 8.08 -21.83
C ASP A 239 1.10 9.42 -22.03
N GLY A 240 1.43 10.14 -20.94
CA GLY A 240 2.07 11.46 -21.05
C GLY A 240 1.18 12.66 -21.37
N VAL A 241 -0.14 12.47 -21.46
CA VAL A 241 -0.99 13.65 -21.69
C VAL A 241 -2.17 13.69 -20.72
N ILE A 242 -2.83 14.84 -20.69
CA ILE A 242 -3.86 15.09 -19.71
C ILE A 242 -5.25 15.06 -20.33
N TYR A 243 -6.10 14.24 -19.74
CA TYR A 243 -7.49 14.09 -20.15
C TYR A 243 -8.39 14.45 -18.99
N PHE A 244 -9.60 14.88 -19.32
CA PHE A 244 -10.63 15.08 -18.33
C PHE A 244 -11.63 13.93 -18.42
N PHE A 245 -11.96 13.38 -17.25
CA PHE A 245 -12.94 12.32 -17.12
C PHE A 245 -14.06 12.79 -16.20
N GLY A 246 -15.29 12.55 -16.61
CA GLY A 246 -16.44 13.05 -15.89
C GLY A 246 -16.76 12.25 -14.64
N VAL A 247 -17.91 12.57 -14.06
CA VAL A 247 -18.37 11.92 -12.84
C VAL A 247 -18.73 10.45 -13.11
N ASP A 248 -19.05 10.13 -14.37
CA ASP A 248 -19.46 8.78 -14.75
C ASP A 248 -18.30 8.05 -15.43
N GLY A 249 -17.10 8.60 -15.32
CA GLY A 249 -15.92 7.96 -15.91
C GLY A 249 -15.74 8.20 -17.40
N VAL A 250 -16.61 9.00 -18.01
CA VAL A 250 -16.57 9.21 -19.48
C VAL A 250 -15.56 10.27 -19.88
N LYS A 251 -14.67 9.94 -20.81
CA LYS A 251 -13.64 10.88 -21.25
C LYS A 251 -14.33 12.02 -21.97
N ALA A 252 -14.06 13.25 -21.54
CA ALA A 252 -14.52 14.46 -22.26
C ALA A 252 -13.84 14.55 -23.63
N PRO A 253 -14.43 15.31 -24.58
CA PRO A 253 -13.79 15.51 -25.89
C PRO A 253 -12.46 16.26 -25.79
N GLY A 254 -11.51 15.91 -26.66
CA GLY A 254 -10.27 16.64 -26.77
C GLY A 254 -9.20 16.27 -25.76
N ILE A 255 -8.05 16.91 -25.90
CA ILE A 255 -6.90 16.67 -25.04
C ILE A 255 -6.30 18.04 -24.69
N TYR A 256 -5.78 18.19 -23.48
CA TYR A 256 -5.24 19.49 -23.03
C TYR A 256 -3.79 19.69 -23.47
N VAL B 2 11.68 11.36 -5.05
CA VAL B 2 11.63 12.77 -5.58
C VAL B 2 11.81 13.81 -4.45
N LYS B 3 12.82 14.65 -4.60
CA LYS B 3 13.00 15.83 -3.75
C LYS B 3 12.83 17.09 -4.60
N LEU B 4 12.02 18.03 -4.12
CA LEU B 4 11.72 19.24 -4.91
C LEU B 4 12.13 20.52 -4.19
N GLU B 5 12.64 21.47 -4.95
CA GLU B 5 13.04 22.77 -4.40
C GLU B 5 12.60 23.93 -5.27
N GLU B 6 11.70 24.75 -4.73
CA GLU B 6 11.21 25.95 -5.42
C GLU B 6 12.14 27.11 -5.16
N SER B 7 12.30 27.96 -6.15
CA SER B 7 13.01 29.22 -5.98
C SER B 7 12.38 30.29 -6.87
N GLY B 8 12.81 31.54 -6.71
CA GLY B 8 12.45 32.61 -7.61
C GLY B 8 11.37 33.56 -7.13
N GLY B 9 10.86 33.34 -5.91
CA GLY B 9 9.81 34.21 -5.39
C GLY B 9 10.33 35.50 -4.78
N GLY B 10 9.44 36.24 -4.14
CA GLY B 10 9.82 37.44 -3.41
C GLY B 10 8.77 38.53 -3.50
N LEU B 11 9.20 39.76 -3.25
CA LEU B 11 8.35 40.93 -3.28
C LEU B 11 8.27 41.49 -4.70
N VAL B 12 7.07 41.90 -5.10
CA VAL B 12 6.85 42.41 -6.44
C VAL B 12 5.64 43.35 -6.48
N GLN B 13 5.73 44.38 -7.31
CA GLN B 13 4.61 45.31 -7.45
C GLN B 13 3.54 44.75 -8.37
N ALA B 14 2.28 45.06 -8.05
CA ALA B 14 1.14 44.68 -8.89
C ALA B 14 1.40 45.09 -10.34
N GLY B 15 1.07 44.20 -11.27
CA GLY B 15 1.36 44.43 -12.69
C GLY B 15 2.69 43.86 -13.13
N GLY B 16 3.57 43.57 -12.17
CA GLY B 16 4.89 43.02 -12.46
C GLY B 16 4.89 41.53 -12.74
N SER B 17 6.09 40.95 -12.82
CA SER B 17 6.31 39.55 -13.20
C SER B 17 7.30 38.85 -12.28
N LEU B 18 7.21 37.51 -12.24
CA LEU B 18 8.20 36.64 -11.60
C LEU B 18 8.18 35.29 -12.28
N ARG B 19 9.33 34.65 -12.39
CA ARG B 19 9.43 33.29 -12.89
C ARG B 19 9.85 32.42 -11.72
N LEU B 20 9.01 31.45 -11.36
CA LEU B 20 9.36 30.49 -10.31
C LEU B 20 9.96 29.24 -10.93
N SER B 21 10.87 28.61 -10.20
CA SER B 21 11.48 27.35 -10.66
C SER B 21 11.24 26.28 -9.62
N CYS B 22 11.10 25.06 -10.10
CA CYS B 22 10.95 23.91 -9.23
C CYS B 22 11.95 22.87 -9.74
N ALA B 23 12.99 22.63 -8.96
CA ALA B 23 14.04 21.70 -9.38
C ALA B 23 13.97 20.41 -8.60
N ALA B 24 14.12 19.30 -9.31
CA ALA B 24 14.25 18.01 -8.66
C ALA B 24 15.71 17.51 -8.68
N SER B 25 15.94 16.39 -8.01
CA SER B 25 17.29 15.83 -7.86
C SER B 25 17.52 14.55 -8.66
N GLU B 26 16.43 13.94 -9.12
CA GLU B 26 16.52 12.64 -9.80
C GLU B 26 15.80 12.71 -11.15
N ARG B 27 16.26 11.92 -12.10
CA ARG B 27 15.65 11.87 -13.43
C ARG B 27 14.20 11.34 -13.43
N THR B 28 13.85 10.54 -12.42
CA THR B 28 12.50 9.95 -12.32
C THR B 28 11.38 10.99 -12.27
N PHE B 29 11.71 12.22 -11.83
CA PHE B 29 10.87 13.42 -11.96
C PHE B 29 10.16 13.48 -13.30
N SER B 30 10.89 13.20 -14.37
CA SER B 30 10.37 13.35 -15.72
C SER B 30 9.28 12.32 -16.07
N ARG B 31 9.06 11.36 -15.18
CA ARG B 31 8.01 10.37 -15.42
C ARG B 31 6.61 10.85 -15.00
N TYR B 32 6.56 11.95 -14.27
CA TYR B 32 5.32 12.31 -13.58
C TYR B 32 4.86 13.72 -13.88
N PRO B 33 3.53 13.93 -13.86
CA PRO B 33 3.00 15.28 -13.97
C PRO B 33 3.35 16.09 -12.73
N VAL B 34 3.46 17.42 -12.90
CA VAL B 34 3.97 18.32 -11.86
C VAL B 34 3.04 19.54 -11.80
N ALA B 35 2.61 19.90 -10.60
CA ALA B 35 1.68 21.02 -10.43
C ALA B 35 2.23 22.10 -9.53
N TRP B 36 1.71 23.30 -9.72
CA TRP B 36 1.89 24.36 -8.73
C TRP B 36 0.60 24.51 -7.95
N PHE B 37 0.76 24.62 -6.63
CA PHE B 37 -0.29 25.00 -5.72
C PHE B 37 0.19 26.23 -4.98
N ARG B 38 -0.77 27.05 -4.51
CA ARG B 38 -0.44 28.19 -3.68
C ARG B 38 -1.29 28.21 -2.41
N GLN B 39 -0.70 28.69 -1.32
CA GLN B 39 -1.39 28.78 -0.04
C GLN B 39 -1.25 30.18 0.55
N ALA B 40 -2.35 30.91 0.58
CA ALA B 40 -2.43 32.19 1.27
C ALA B 40 -2.53 31.93 2.78
N PRO B 41 -2.08 32.88 3.63
CA PRO B 41 -2.05 32.60 5.08
C PRO B 41 -3.46 32.38 5.62
N GLY B 42 -3.64 31.31 6.39
CA GLY B 42 -4.95 30.91 6.88
C GLY B 42 -5.77 30.02 5.94
N ALA B 43 -5.57 30.16 4.64
CA ALA B 43 -6.37 29.46 3.62
C ALA B 43 -5.82 28.08 3.26
N GLU B 44 -6.52 27.37 2.38
CA GLU B 44 -6.07 26.05 1.91
C GLU B 44 -5.26 26.16 0.62
N ARG B 45 -4.46 25.13 0.35
CA ARG B 45 -3.66 25.00 -0.86
C ARG B 45 -4.54 24.99 -2.12
N GLU B 46 -4.52 26.08 -2.88
CA GLU B 46 -5.33 26.12 -4.10
C GLU B 46 -4.52 25.79 -5.39
N PHE B 47 -5.15 25.05 -6.28
CA PHE B 47 -4.54 24.60 -7.53
C PHE B 47 -4.21 25.78 -8.45
N VAL B 48 -3.02 25.75 -9.07
CA VAL B 48 -2.63 26.86 -9.98
C VAL B 48 -2.51 26.42 -11.44
N ALA B 49 -1.67 25.41 -11.67
CA ALA B 49 -1.44 24.86 -13.01
C ALA B 49 -0.81 23.50 -12.85
N VAL B 50 -0.96 22.66 -13.87
CA VAL B 50 -0.31 21.38 -13.92
C VAL B 50 0.27 21.16 -15.32
N ILE B 51 1.35 20.39 -15.41
CA ILE B 51 1.97 20.06 -16.68
C ILE B 51 2.28 18.55 -16.69
N SER B 52 2.05 17.92 -17.82
CA SER B 52 2.28 16.48 -17.94
C SER B 52 3.78 16.15 -17.86
N SER B 53 4.07 14.87 -17.61
CA SER B 53 5.46 14.43 -17.55
C SER B 53 6.30 14.83 -18.77
N THR B 54 5.69 14.85 -19.96
CA THR B 54 6.43 15.12 -21.20
C THR B 54 6.59 16.62 -21.46
N GLY B 55 5.71 17.42 -20.87
CA GLY B 55 5.71 18.86 -21.12
C GLY B 55 4.79 19.29 -22.25
N THR B 56 4.09 18.35 -22.87
CA THR B 56 3.26 18.73 -24.03
C THR B 56 1.84 19.09 -23.63
N SER B 57 1.44 18.72 -22.43
CA SER B 57 0.06 18.91 -22.03
C SER B 57 -0.04 19.70 -20.71
N THR B 58 -0.88 20.74 -20.70
CA THR B 58 -1.01 21.62 -19.55
C THR B 58 -2.46 21.95 -19.23
N TYR B 59 -2.70 22.39 -17.99
CA TYR B 59 -4.00 22.86 -17.56
C TYR B 59 -3.85 23.92 -16.45
N TYR B 60 -4.67 24.97 -16.52
CA TYR B 60 -4.57 26.13 -15.63
C TYR B 60 -5.87 26.41 -14.93
N ALA B 61 -5.80 26.93 -13.71
CA ALA B 61 -6.98 27.47 -13.04
C ALA B 61 -7.45 28.69 -13.82
N ASP B 62 -8.76 28.94 -13.81
CA ASP B 62 -9.36 30.10 -14.52
C ASP B 62 -8.77 31.45 -14.15
N SER B 63 -8.53 31.67 -12.85
CA SER B 63 -7.97 32.93 -12.34
C SER B 63 -6.56 33.28 -12.85
N VAL B 64 -5.85 32.30 -13.39
CA VAL B 64 -4.46 32.57 -13.85
C VAL B 64 -4.28 32.38 -15.34
N LYS B 65 -5.28 31.76 -15.97
CA LYS B 65 -5.28 31.53 -17.41
C LYS B 65 -5.01 32.85 -18.14
N GLY B 66 -4.04 32.82 -19.05
CA GLY B 66 -3.64 34.01 -19.80
C GLY B 66 -2.52 34.82 -19.15
N ARG B 67 -2.31 34.65 -17.85
CA ARG B 67 -1.30 35.41 -17.12
C ARG B 67 -0.10 34.54 -16.78
N PHE B 68 -0.36 33.30 -16.37
CA PHE B 68 0.70 32.37 -15.92
C PHE B 68 0.99 31.37 -17.03
N THR B 69 2.22 30.88 -17.09
CA THR B 69 2.60 29.85 -18.06
C THR B 69 3.47 28.82 -17.34
N ILE B 70 3.02 27.57 -17.35
CA ILE B 70 3.78 26.51 -16.73
C ILE B 70 4.56 25.84 -17.85
N SER B 71 5.84 25.54 -17.60
CA SER B 71 6.66 24.87 -18.60
C SER B 71 7.63 23.91 -17.93
N ARG B 72 8.26 23.03 -18.69
CA ARG B 72 9.31 22.22 -18.10
C ARG B 72 10.50 21.96 -19.02
N ASP B 73 11.63 21.70 -18.38
CA ASP B 73 12.84 21.30 -19.07
C ASP B 73 13.34 20.06 -18.37
N ASN B 74 12.98 18.91 -18.91
CA ASN B 74 13.33 17.64 -18.31
C ASN B 74 14.84 17.33 -18.32
N ALA B 75 15.59 17.93 -19.24
CA ALA B 75 17.05 17.84 -19.24
C ALA B 75 17.68 18.46 -17.97
N LYS B 76 17.06 19.53 -17.48
CA LYS B 76 17.47 20.18 -16.22
C LYS B 76 16.57 19.73 -15.07
N VAL B 77 15.71 18.75 -15.35
CA VAL B 77 14.79 18.20 -14.37
C VAL B 77 14.09 19.31 -13.56
N THR B 78 13.57 20.30 -14.28
CA THR B 78 13.02 21.51 -13.70
C THR B 78 11.67 21.91 -14.32
N VAL B 79 10.77 22.41 -13.49
CA VAL B 79 9.51 22.95 -13.96
C VAL B 79 9.47 24.43 -13.63
N TYR B 80 8.89 25.23 -14.53
CA TYR B 80 8.81 26.69 -14.39
C TYR B 80 7.39 27.18 -14.34
N LEU B 81 7.17 28.26 -13.60
CA LEU B 81 5.92 28.99 -13.64
C LEU B 81 6.19 30.47 -13.90
N GLN B 82 5.86 30.93 -15.11
CA GLN B 82 6.03 32.33 -15.46
C GLN B 82 4.75 33.05 -15.06
N MET B 83 4.89 34.06 -14.21
CA MET B 83 3.73 34.77 -13.68
C MET B 83 3.74 36.23 -14.17
N ASN B 84 2.86 36.53 -15.12
CA ASN B 84 2.78 37.90 -15.66
C ASN B 84 1.58 38.64 -15.08
N ASN B 85 1.64 39.97 -15.16
CA ASN B 85 0.59 40.86 -14.67
C ASN B 85 0.06 40.39 -13.32
N LEU B 86 0.94 40.38 -12.32
CA LEU B 86 0.59 39.89 -10.99
C LEU B 86 -0.39 40.81 -10.29
N LYS B 87 -1.26 40.23 -9.48
CA LYS B 87 -2.28 40.97 -8.74
C LYS B 87 -2.15 40.69 -7.25
N ARG B 88 -2.66 41.61 -6.45
CA ARG B 88 -2.65 41.47 -5.00
C ARG B 88 -3.13 40.08 -4.58
N GLU B 89 -4.18 39.59 -5.23
CA GLU B 89 -4.76 38.28 -4.94
C GLU B 89 -3.80 37.09 -5.16
N ASP B 90 -2.70 37.31 -5.89
CA ASP B 90 -1.72 36.26 -6.17
C ASP B 90 -0.72 36.01 -5.04
N THR B 91 -0.77 36.84 -4.00
CA THR B 91 0.12 36.72 -2.83
C THR B 91 -0.13 35.42 -2.10
N ALA B 92 0.92 34.65 -1.87
CA ALA B 92 0.82 33.32 -1.29
C ALA B 92 2.19 32.65 -1.25
N VAL B 93 2.29 31.56 -0.51
CA VAL B 93 3.43 30.65 -0.65
C VAL B 93 3.11 29.67 -1.81
N TYR B 94 4.06 29.53 -2.73
CA TYR B 94 3.88 28.67 -3.89
C TYR B 94 4.67 27.39 -3.71
N PHE B 95 3.99 26.27 -3.90
CA PHE B 95 4.58 24.95 -3.79
C PHE B 95 4.47 24.27 -5.14
N CYS B 96 5.51 23.52 -5.52
CA CYS B 96 5.37 22.58 -6.61
C CYS B 96 5.27 21.18 -6.01
N ALA B 97 4.68 20.27 -6.76
CA ALA B 97 4.35 18.96 -6.25
C ALA B 97 4.25 17.95 -7.38
N VAL B 98 4.66 16.72 -7.10
CA VAL B 98 4.54 15.59 -8.02
C VAL B 98 3.38 14.68 -7.58
N ASN B 99 2.67 14.13 -8.56
CA ASN B 99 1.53 13.21 -8.37
C ASN B 99 1.90 11.93 -9.09
N SER B 100 2.49 10.99 -8.36
CA SER B 100 3.04 9.79 -8.98
C SER B 100 1.96 8.79 -9.42
N GLN B 101 0.74 8.94 -8.90
CA GLN B 101 -0.41 8.12 -9.27
C GLN B 101 -1.07 8.64 -10.54
N ARG B 102 -0.89 9.93 -10.81
CA ARG B 102 -1.32 10.61 -12.05
C ARG B 102 -2.81 10.80 -12.09
N THR B 103 -3.43 10.79 -10.91
CA THR B 103 -4.88 10.80 -10.79
C THR B 103 -5.38 12.07 -10.14
N ARG B 104 -6.45 12.63 -10.70
CA ARG B 104 -7.13 13.82 -10.16
C ARG B 104 -6.16 14.99 -9.86
N LEU B 105 -5.64 15.57 -10.95
CA LEU B 105 -4.48 16.45 -10.92
C LEU B 105 -4.69 17.79 -10.24
N GLN B 106 -5.95 18.21 -10.08
CA GLN B 106 -6.27 19.45 -9.38
C GLN B 106 -6.30 19.32 -7.86
N ASP B 107 -6.27 18.10 -7.34
CA ASP B 107 -6.51 17.85 -5.92
C ASP B 107 -5.20 17.63 -5.18
N PRO B 108 -4.84 18.58 -4.29
CA PRO B 108 -3.57 18.57 -3.60
C PRO B 108 -3.35 17.31 -2.80
N ASN B 109 -4.44 16.72 -2.30
CA ASN B 109 -4.35 15.45 -1.55
C ASN B 109 -3.84 14.27 -2.37
N GLU B 110 -3.95 14.37 -3.68
CA GLU B 110 -3.49 13.29 -4.57
C GLU B 110 -1.99 13.37 -4.84
N TYR B 111 -1.34 14.45 -4.39
CA TYR B 111 0.09 14.64 -4.63
C TYR B 111 0.91 14.13 -3.45
N ASP B 112 1.88 13.27 -3.74
CA ASP B 112 2.66 12.63 -2.69
C ASP B 112 4.06 13.23 -2.43
N TYR B 113 4.55 14.09 -3.34
CA TYR B 113 5.85 14.76 -3.15
C TYR B 113 5.71 16.27 -3.30
N TRP B 114 6.27 17.02 -2.33
CA TRP B 114 6.10 18.46 -2.24
C TRP B 114 7.42 19.17 -1.99
N GLY B 115 7.55 20.39 -2.50
CA GLY B 115 8.69 21.22 -2.19
C GLY B 115 8.43 21.93 -0.87
N GLN B 116 9.40 22.72 -0.41
CA GLN B 116 9.29 23.49 0.83
C GLN B 116 8.45 24.77 0.64
N GLY B 117 8.34 25.22 -0.61
CA GLY B 117 7.57 26.43 -0.89
C GLY B 117 8.44 27.65 -1.07
N THR B 118 7.90 28.64 -1.76
CA THR B 118 8.55 29.93 -1.89
C THR B 118 7.52 31.05 -1.82
N GLN B 119 7.85 32.09 -1.08
CA GLN B 119 6.93 33.20 -0.83
C GLN B 119 6.83 34.15 -2.02
N VAL B 120 5.61 34.47 -2.41
CA VAL B 120 5.38 35.50 -3.41
C VAL B 120 4.47 36.54 -2.76
N THR B 121 4.89 37.80 -2.79
CA THR B 121 4.14 38.90 -2.18
C THR B 121 4.00 40.03 -3.18
N VAL B 122 2.76 40.36 -3.50
CA VAL B 122 2.45 41.37 -4.50
C VAL B 122 1.98 42.64 -3.79
N SER B 123 2.70 43.74 -4.02
CA SER B 123 2.46 45.02 -3.35
C SER B 123 1.32 45.82 -3.97
N SER B 124 1.57 47.11 -4.22
CA SER B 124 0.56 48.02 -4.76
C SER B 124 1.14 49.04 -5.75
N HIS B 125 0.27 49.83 -6.36
CA HIS B 125 0.62 50.88 -7.34
C HIS B 125 1.22 50.31 -8.62
#